data_2C50
#
_entry.id   2C50
#
_cell.length_a   288.000
_cell.length_b   288.000
_cell.length_c   653.000
_cell.angle_alpha   90.00
_cell.angle_beta   90.00
_cell.angle_gamma   120.00
#
_symmetry.space_group_name_H-M   'H 3 2'
#
loop_
_entity.id
_entity.type
_entity.pdbx_description
1 polymer 'COAT PROTEIN'
2 polymer "5'-R(*AP*CP*AP*UP*GP*AP*GP*GP*AP*UP *AP*AP*CP*CP*CP*AP*UP*GP*U)-3'"
3 water water
#
loop_
_entity_poly.entity_id
_entity_poly.type
_entity_poly.pdbx_seq_one_letter_code
_entity_poly.pdbx_strand_id
1 'polypeptide(L)'
;ASNFTQFVLVDNGGTGDVTVAPSNFANGVAEWISSNSRSQAYKVTCSVRQSSAQNRKYTIKVEVPKVATQTVGGVELPVA
AWRSYLNMELTIPIFATNSDCELIVKAMQGLLKDGNPIPSAIAANSGIY
;
A,B,C
2 'polyribonucleotide' ACAUGAGGAUAACCCAUGU R,S
#
loop_
_chem_comp.id
_chem_comp.type
_chem_comp.name
_chem_comp.formula
A RNA linking ADENOSINE-5'-MONOPHOSPHATE 'C10 H14 N5 O7 P'
C RNA linking CYTIDINE-5'-MONOPHOSPHATE 'C9 H14 N3 O8 P'
G RNA linking GUANOSINE-5'-MONOPHOSPHATE 'C10 H14 N5 O8 P'
U RNA linking URIDINE-5'-MONOPHOSPHATE 'C9 H13 N2 O9 P'
#
# COMPACT_ATOMS: atom_id res chain seq x y z
N ALA A 1 -10.07 6.45 14.72
CA ALA A 1 -8.98 6.52 13.70
C ALA A 1 -8.64 5.16 13.03
N SER A 2 -7.76 5.24 12.04
CA SER A 2 -7.27 4.13 11.23
C SER A 2 -6.85 4.95 10.04
N ASN A 3 -5.59 4.85 9.64
CA ASN A 3 -5.16 5.63 8.52
C ASN A 3 -5.21 4.78 7.25
N PHE A 4 -5.67 3.54 7.38
CA PHE A 4 -5.75 2.68 6.21
C PHE A 4 -7.03 2.99 5.45
N THR A 5 -7.05 4.13 4.78
CA THR A 5 -8.22 4.57 4.03
C THR A 5 -7.94 4.84 2.56
N GLN A 6 -9.00 4.97 1.77
CA GLN A 6 -8.85 5.23 0.36
C GLN A 6 -8.49 6.70 0.19
N PHE A 7 -7.92 7.04 -0.96
CA PHE A 7 -7.54 8.41 -1.22
C PHE A 7 -7.34 8.62 -2.70
N VAL A 8 -7.30 9.87 -3.12
CA VAL A 8 -7.13 10.22 -4.53
C VAL A 8 -5.66 10.25 -4.90
N LEU A 9 -5.24 9.29 -5.72
CA LEU A 9 -3.85 9.20 -6.16
C LEU A 9 -3.58 10.22 -7.27
N VAL A 10 -4.47 10.28 -8.25
CA VAL A 10 -4.34 11.23 -9.35
C VAL A 10 -5.56 12.14 -9.33
N ASP A 11 -5.33 13.43 -9.21
CA ASP A 11 -6.44 14.37 -9.17
C ASP A 11 -6.59 15.18 -10.45
N ASN A 12 -7.80 15.12 -11.01
CA ASN A 12 -8.15 15.86 -12.23
C ASN A 12 -9.45 16.60 -11.94
N GLY A 13 -9.47 17.27 -10.79
CA GLY A 13 -10.64 18.02 -10.37
C GLY A 13 -11.92 17.19 -10.45
N GLY A 14 -12.05 16.23 -9.53
CA GLY A 14 -13.22 15.36 -9.47
C GLY A 14 -13.83 14.75 -10.74
N THR A 15 -13.02 14.51 -11.78
CA THR A 15 -13.50 13.94 -13.04
C THR A 15 -12.35 13.21 -13.74
N GLY A 16 -12.39 11.87 -13.71
CA GLY A 16 -11.30 11.10 -14.31
C GLY A 16 -10.24 11.03 -13.21
N ASP A 17 -10.70 11.24 -11.98
CA ASP A 17 -9.87 11.21 -10.79
C ASP A 17 -9.57 9.77 -10.41
N VAL A 18 -8.28 9.41 -10.38
CA VAL A 18 -7.89 8.05 -10.02
C VAL A 18 -7.81 7.91 -8.51
N THR A 19 -8.81 7.26 -7.95
CA THR A 19 -8.90 7.03 -6.53
C THR A 19 -8.44 5.60 -6.27
N VAL A 20 -7.75 5.41 -5.14
CA VAL A 20 -7.21 4.13 -4.77
C VAL A 20 -7.75 3.71 -3.39
N ALA A 21 -8.15 2.44 -3.24
CA ALA A 21 -8.73 1.96 -1.99
C ALA A 21 -7.95 0.82 -1.34
N PRO A 22 -8.05 0.69 -0.02
CA PRO A 22 -7.34 -0.38 0.71
C PRO A 22 -7.74 -1.71 0.10
N SER A 23 -6.82 -2.67 0.02
CA SER A 23 -7.17 -3.94 -0.59
C SER A 23 -6.44 -5.16 -0.05
N ASN A 24 -5.50 -4.98 0.87
CA ASN A 24 -4.77 -6.12 1.43
C ASN A 24 -3.74 -5.65 2.43
N PHE A 25 -3.55 -6.44 3.49
CA PHE A 25 -2.58 -6.10 4.52
C PHE A 25 -1.82 -7.35 4.90
N ALA A 26 -1.87 -8.35 4.03
CA ALA A 26 -1.20 -9.61 4.28
C ALA A 26 0.31 -9.44 4.33
N ASN A 27 0.93 -10.00 5.37
CA ASN A 27 2.37 -9.94 5.56
C ASN A 27 2.91 -8.55 5.90
N GLY A 28 2.13 -7.76 6.61
CA GLY A 28 2.58 -6.44 7.00
C GLY A 28 2.82 -5.45 5.87
N VAL A 29 2.29 -5.74 4.70
CA VAL A 29 2.43 -4.85 3.55
C VAL A 29 1.06 -4.31 3.22
N ALA A 30 0.83 -3.03 3.52
CA ALA A 30 -0.45 -2.40 3.23
C ALA A 30 -0.53 -2.21 1.72
N GLU A 31 -1.68 -2.53 1.12
CA GLU A 31 -1.86 -2.39 -0.32
C GLU A 31 -3.13 -1.63 -0.68
N TRP A 32 -3.05 -0.86 -1.75
CA TRP A 32 -4.16 -0.07 -2.25
C TRP A 32 -4.22 -0.31 -3.75
N ILE A 33 -5.41 -0.41 -4.33
CA ILE A 33 -5.54 -0.57 -5.77
C ILE A 33 -6.76 0.21 -6.24
N SER A 34 -6.81 0.53 -7.53
CA SER A 34 -7.95 1.26 -8.07
C SER A 34 -9.02 0.26 -8.51
N SER A 35 -10.23 0.74 -8.76
CA SER A 35 -11.32 -0.15 -9.21
C SER A 35 -11.06 -0.58 -10.62
N ASN A 36 -10.31 -1.66 -10.77
CA ASN A 36 -9.96 -2.13 -12.08
C ASN A 36 -9.69 -3.60 -12.01
N SER A 37 -9.48 -4.19 -13.19
CA SER A 37 -9.12 -5.59 -13.22
C SER A 37 -7.73 -5.53 -12.62
N ARG A 38 -7.39 -6.53 -11.85
CA ARG A 38 -6.09 -6.58 -11.21
C ARG A 38 -4.95 -6.40 -12.23
N SER A 39 -5.26 -6.57 -13.51
CA SER A 39 -4.23 -6.44 -14.55
C SER A 39 -4.04 -5.01 -15.06
N GLN A 40 -5.02 -4.13 -14.81
CA GLN A 40 -4.93 -2.74 -15.25
C GLN A 40 -4.93 -1.75 -14.09
N ALA A 41 -4.94 -2.24 -12.86
CA ALA A 41 -5.02 -1.36 -11.71
C ALA A 41 -3.75 -0.60 -11.32
N TYR A 42 -3.97 0.56 -10.70
CA TYR A 42 -2.89 1.39 -10.16
C TYR A 42 -2.63 0.68 -8.84
N LYS A 43 -1.39 0.57 -8.42
CA LYS A 43 -1.11 -0.13 -7.18
C LYS A 43 -0.18 0.68 -6.28
N VAL A 44 -0.47 0.70 -4.99
CA VAL A 44 0.37 1.41 -4.04
C VAL A 44 0.57 0.49 -2.84
N THR A 45 1.81 0.29 -2.44
CA THR A 45 2.06 -0.54 -1.28
C THR A 45 2.98 0.22 -0.33
N CYS A 46 2.91 -0.12 0.95
CA CYS A 46 3.73 0.54 1.96
C CYS A 46 3.98 -0.39 3.13
N SER A 47 5.17 -0.33 3.70
CA SER A 47 5.52 -1.16 4.84
C SER A 47 6.61 -0.46 5.64
N VAL A 48 6.57 -0.62 6.97
CA VAL A 48 7.55 -0.02 7.86
C VAL A 48 8.31 -1.14 8.54
N ARG A 49 9.61 -0.96 8.71
CA ARG A 49 10.43 -1.97 9.35
C ARG A 49 11.48 -1.35 10.24
N GLN A 50 11.86 -2.06 11.30
CA GLN A 50 12.88 -1.58 12.21
C GLN A 50 14.20 -2.06 11.61
N SER A 51 14.55 -1.50 10.46
CA SER A 51 15.76 -1.83 9.68
C SER A 51 17.09 -1.94 10.44
N SER A 52 17.16 -1.38 11.65
CA SER A 52 18.38 -1.43 12.44
C SER A 52 18.00 -1.15 13.88
N ALA A 53 19.03 -1.08 14.74
CA ALA A 53 18.80 -0.79 16.14
C ALA A 53 18.24 0.64 16.31
N GLN A 54 18.75 1.57 15.51
CA GLN A 54 18.32 2.96 15.62
C GLN A 54 17.67 3.54 14.37
N ASN A 55 17.09 2.69 13.54
CA ASN A 55 16.46 3.13 12.31
C ASN A 55 15.16 2.46 12.03
N ARG A 56 14.31 3.20 11.33
CA ARG A 56 13.04 2.68 10.89
C ARG A 56 13.06 2.99 9.42
N LYS A 57 12.54 2.08 8.61
CA LYS A 57 12.57 2.29 7.18
C LYS A 57 11.23 2.05 6.53
N TYR A 58 10.70 3.08 5.87
CA TYR A 58 9.44 2.94 5.17
C TYR A 58 9.80 2.57 3.74
N THR A 59 9.05 1.63 3.16
CA THR A 59 9.28 1.22 1.78
C THR A 59 7.93 1.36 1.07
N ILE A 60 7.86 2.35 0.20
CA ILE A 60 6.65 2.69 -0.55
C ILE A 60 6.85 2.45 -2.04
N LYS A 61 5.84 1.88 -2.70
CA LYS A 61 5.90 1.61 -4.13
C LYS A 61 4.61 1.96 -4.83
N VAL A 62 4.71 2.56 -6.00
CA VAL A 62 3.54 2.92 -6.77
C VAL A 62 3.72 2.38 -8.17
N GLU A 63 2.63 1.89 -8.76
CA GLU A 63 2.67 1.36 -10.11
C GLU A 63 1.65 2.10 -10.94
N VAL A 64 2.12 2.84 -11.93
CA VAL A 64 1.22 3.58 -12.81
C VAL A 64 1.15 2.82 -14.13
N PRO A 65 -0.04 2.31 -14.49
CA PRO A 65 -0.23 1.54 -15.72
C PRO A 65 -0.75 2.33 -16.92
N LYS A 66 -0.33 1.89 -18.11
CA LYS A 66 -0.78 2.48 -19.36
C LYS A 66 -1.78 1.43 -19.85
N VAL A 67 -3.07 1.68 -19.61
CA VAL A 67 -4.13 0.75 -19.98
C VAL A 67 -4.36 0.53 -21.47
N ALA A 68 -4.54 -0.72 -21.85
CA ALA A 68 -4.77 -1.09 -23.24
C ALA A 68 -5.66 -2.33 -23.32
N THR A 69 -6.11 -2.68 -24.52
CA THR A 69 -6.95 -3.86 -24.75
C THR A 69 -6.27 -4.77 -25.76
N GLN A 70 -5.67 -5.84 -25.27
CA GLN A 70 -4.97 -6.75 -26.16
C GLN A 70 -5.86 -7.85 -26.76
N THR A 71 -5.34 -8.50 -27.80
CA THR A 71 -6.06 -9.57 -28.49
C THR A 71 -5.21 -10.84 -28.56
N VAL A 72 -5.21 -11.59 -27.45
CA VAL A 72 -4.47 -12.86 -27.37
C VAL A 72 -5.42 -13.99 -27.81
N GLY A 73 -4.98 -14.81 -28.77
CA GLY A 73 -5.84 -15.89 -29.25
C GLY A 73 -7.16 -15.41 -29.85
N GLY A 74 -7.15 -14.25 -30.51
CA GLY A 74 -8.37 -13.72 -31.12
C GLY A 74 -9.43 -13.26 -30.15
N VAL A 75 -9.05 -13.14 -28.87
CA VAL A 75 -9.96 -12.69 -27.80
C VAL A 75 -9.43 -11.41 -27.14
N GLU A 76 -10.34 -10.53 -26.73
CA GLU A 76 -9.97 -9.27 -26.10
C GLU A 76 -9.85 -9.32 -24.58
N LEU A 77 -8.67 -8.97 -24.08
CA LEU A 77 -8.40 -8.98 -22.65
C LEU A 77 -7.91 -7.62 -22.17
N PRO A 78 -8.41 -7.13 -21.02
CA PRO A 78 -7.98 -5.84 -20.50
C PRO A 78 -6.56 -6.06 -19.94
N VAL A 79 -5.62 -5.25 -20.40
CA VAL A 79 -4.23 -5.41 -19.99
C VAL A 79 -3.51 -4.05 -19.83
N ALA A 80 -2.21 -4.11 -19.55
CA ALA A 80 -1.41 -2.90 -19.42
C ALA A 80 -0.27 -2.92 -20.44
N ALA A 81 -0.25 -1.93 -21.34
CA ALA A 81 0.79 -1.85 -22.37
C ALA A 81 2.15 -1.83 -21.70
N TRP A 82 2.23 -1.11 -20.60
CA TRP A 82 3.45 -1.01 -19.80
C TRP A 82 3.12 -0.38 -18.46
N ARG A 83 4.08 -0.43 -17.54
CA ARG A 83 3.89 0.14 -16.22
C ARG A 83 5.08 0.99 -15.83
N SER A 84 4.81 2.01 -15.05
CA SER A 84 5.84 2.91 -14.56
C SER A 84 5.92 2.61 -13.07
N TYR A 85 7.14 2.46 -12.53
CA TYR A 85 7.31 2.15 -11.12
C TYR A 85 8.04 3.17 -10.29
N LEU A 86 7.47 3.50 -9.14
CA LEU A 86 8.09 4.44 -8.21
C LEU A 86 8.52 3.59 -7.03
N ASN A 87 9.77 3.73 -6.63
CA ASN A 87 10.31 2.96 -5.52
C ASN A 87 10.96 3.88 -4.52
N MET A 88 10.31 4.18 -3.41
CA MET A 88 10.98 5.03 -2.46
C MET A 88 11.22 4.39 -1.10
N GLU A 89 12.43 4.59 -0.58
CA GLU A 89 12.81 4.06 0.73
C GLU A 89 13.17 5.27 1.59
N LEU A 90 12.59 5.34 2.78
CA LEU A 90 12.85 6.46 3.67
C LEU A 90 13.36 5.94 5.01
N THR A 91 14.60 6.26 5.33
CA THR A 91 15.20 5.83 6.59
C THR A 91 15.18 6.96 7.59
N ILE A 92 14.49 6.74 8.70
CA ILE A 92 14.35 7.74 9.74
C ILE A 92 14.93 7.27 11.08
N PRO A 93 15.83 8.05 11.69
CA PRO A 93 16.40 7.63 12.98
C PRO A 93 15.32 7.62 14.04
N ILE A 94 15.39 6.68 14.99
CA ILE A 94 14.40 6.57 16.04
C ILE A 94 14.34 7.80 16.95
N PHE A 95 15.34 8.67 16.84
CA PHE A 95 15.41 9.87 17.67
C PHE A 95 14.60 11.04 17.10
N ALA A 96 14.00 10.85 15.93
CA ALA A 96 13.20 11.90 15.29
C ALA A 96 11.85 12.06 15.97
N THR A 97 11.57 13.27 16.43
CA THR A 97 10.29 13.57 17.07
C THR A 97 9.24 13.76 15.98
N ASN A 98 7.99 13.99 16.37
CA ASN A 98 6.92 14.18 15.40
C ASN A 98 7.14 15.44 14.56
N SER A 99 7.65 16.49 15.18
CA SER A 99 7.90 17.72 14.46
C SER A 99 9.05 17.53 13.48
N ASP A 100 9.93 16.57 13.76
CA ASP A 100 11.05 16.27 12.88
C ASP A 100 10.53 15.55 11.67
N CYS A 101 9.56 14.66 11.88
CA CYS A 101 8.97 13.90 10.80
C CYS A 101 8.09 14.76 9.92
N GLU A 102 7.46 15.77 10.50
CA GLU A 102 6.62 16.66 9.72
C GLU A 102 7.50 17.43 8.75
N LEU A 103 8.75 17.62 9.16
CA LEU A 103 9.74 18.33 8.36
C LEU A 103 10.12 17.50 7.15
N ILE A 104 10.12 16.18 7.32
CA ILE A 104 10.46 15.27 6.24
C ILE A 104 9.33 15.22 5.23
N VAL A 105 8.09 15.20 5.73
CA VAL A 105 6.95 15.16 4.84
C VAL A 105 6.85 16.43 3.99
N LYS A 106 7.10 17.57 4.61
CA LYS A 106 7.04 18.83 3.89
C LYS A 106 8.12 18.92 2.82
N ALA A 107 9.29 18.36 3.11
CA ALA A 107 10.38 18.38 2.16
C ALA A 107 9.96 17.58 0.93
N MET A 108 9.36 16.43 1.17
CA MET A 108 8.92 15.57 0.07
C MET A 108 7.80 16.19 -0.76
N GLN A 109 6.98 17.02 -0.15
CA GLN A 109 5.89 17.67 -0.87
C GLN A 109 6.44 18.82 -1.69
N GLY A 110 7.37 19.57 -1.10
CA GLY A 110 7.97 20.70 -1.80
C GLY A 110 8.81 20.24 -2.96
N LEU A 111 9.48 19.10 -2.78
CA LEU A 111 10.31 18.51 -3.82
C LEU A 111 9.54 18.27 -5.12
N LEU A 112 8.29 17.87 -5.00
CA LEU A 112 7.44 17.54 -6.14
C LEU A 112 6.40 18.58 -6.52
N LYS A 113 6.42 19.75 -5.88
CA LYS A 113 5.44 20.79 -6.17
C LYS A 113 5.55 21.28 -7.61
N ASP A 114 4.41 21.58 -8.22
CA ASP A 114 4.40 22.06 -9.61
C ASP A 114 5.32 23.25 -9.83
N GLY A 115 6.07 23.19 -10.93
CA GLY A 115 6.94 24.30 -11.24
C GLY A 115 8.35 24.15 -10.69
N ASN A 116 8.54 23.30 -9.69
CA ASN A 116 9.89 23.13 -9.16
C ASN A 116 10.71 22.30 -10.14
N PRO A 117 12.03 22.40 -10.07
CA PRO A 117 12.94 21.66 -10.96
C PRO A 117 12.62 20.21 -11.31
N ILE A 118 12.72 19.32 -10.33
CA ILE A 118 12.49 17.89 -10.55
C ILE A 118 11.18 17.49 -11.24
N PRO A 119 10.02 17.95 -10.73
CA PRO A 119 8.83 17.53 -11.47
C PRO A 119 8.74 18.09 -12.89
N SER A 120 9.44 19.20 -13.14
CA SER A 120 9.43 19.81 -14.47
C SER A 120 10.23 18.98 -15.44
N ALA A 121 11.37 18.49 -14.99
CA ALA A 121 12.22 17.66 -15.83
C ALA A 121 11.49 16.38 -16.17
N ILE A 122 10.95 15.70 -15.15
CA ILE A 122 10.24 14.46 -15.37
C ILE A 122 9.11 14.63 -16.38
N ALA A 123 8.30 15.67 -16.20
CA ALA A 123 7.17 15.93 -17.09
C ALA A 123 7.54 16.32 -18.51
N ALA A 124 8.77 16.77 -18.72
CA ALA A 124 9.20 17.17 -20.05
C ALA A 124 10.15 16.17 -20.67
N ASN A 125 10.28 15.00 -20.06
CA ASN A 125 11.17 13.97 -20.57
C ASN A 125 12.59 14.48 -20.75
N SER A 126 13.10 15.21 -19.76
CA SER A 126 14.48 15.72 -19.85
C SER A 126 15.24 15.59 -18.54
N GLY A 127 16.46 16.11 -18.54
CA GLY A 127 17.28 16.05 -17.35
C GLY A 127 17.36 17.45 -16.76
N ILE A 128 18.18 17.59 -15.71
CA ILE A 128 18.36 18.88 -15.08
C ILE A 128 19.52 19.59 -15.77
N TYR A 129 19.31 20.83 -16.17
CA TYR A 129 20.38 21.55 -16.84
C TYR A 129 20.17 23.06 -16.69
N ALA B 1 15.64 27.65 -21.10
CA ALA B 1 14.77 26.63 -20.41
C ALA B 1 15.47 25.97 -19.20
N SER B 2 16.64 26.51 -18.81
CA SER B 2 17.40 25.99 -17.68
C SER B 2 16.47 25.73 -16.49
N ASN B 3 16.43 24.48 -16.03
CA ASN B 3 15.57 24.17 -14.90
C ASN B 3 16.37 23.90 -13.63
N PHE B 4 17.68 24.04 -13.71
CA PHE B 4 18.56 23.82 -12.56
C PHE B 4 18.66 25.13 -11.78
N THR B 5 17.58 25.45 -11.07
CA THR B 5 17.51 26.67 -10.28
C THR B 5 17.16 26.36 -8.84
N GLN B 6 17.25 27.37 -7.96
CA GLN B 6 16.93 27.15 -6.57
C GLN B 6 15.42 27.08 -6.38
N PHE B 7 14.98 26.45 -5.30
CA PHE B 7 13.56 26.32 -5.01
C PHE B 7 13.30 26.12 -3.54
N VAL B 8 12.03 26.27 -3.14
CA VAL B 8 11.67 26.10 -1.75
C VAL B 8 11.35 24.62 -1.54
N LEU B 9 12.12 24.00 -0.64
CA LEU B 9 11.95 22.60 -0.32
C LEU B 9 10.94 22.46 0.81
N VAL B 10 11.16 23.20 1.89
CA VAL B 10 10.25 23.19 3.03
C VAL B 10 9.52 24.52 3.08
N ASP B 11 8.21 24.48 2.90
CA ASP B 11 7.42 25.71 2.93
C ASP B 11 6.65 25.94 4.22
N ASN B 12 7.01 27.02 4.91
CA ASN B 12 6.34 27.38 6.15
C ASN B 12 5.63 28.71 5.98
N GLY B 13 4.98 28.86 4.83
CA GLY B 13 4.25 30.09 4.51
C GLY B 13 5.11 31.34 4.66
N GLY B 14 6.11 31.47 3.79
CA GLY B 14 6.99 32.64 3.79
C GLY B 14 7.99 32.83 4.93
N THR B 15 7.54 32.58 6.17
CA THR B 15 8.41 32.76 7.32
C THR B 15 9.05 31.44 7.85
N GLY B 16 10.37 31.33 7.69
CA GLY B 16 11.08 30.13 8.13
C GLY B 16 11.13 29.04 7.06
N ASP B 17 11.01 29.44 5.79
CA ASP B 17 11.06 28.49 4.68
C ASP B 17 12.49 28.03 4.50
N VAL B 18 12.65 26.85 3.87
CA VAL B 18 13.97 26.32 3.62
C VAL B 18 14.17 26.31 2.11
N THR B 19 15.12 27.13 1.65
CA THR B 19 15.43 27.21 0.23
C THR B 19 16.66 26.37 0.00
N VAL B 20 16.66 25.64 -1.10
CA VAL B 20 17.75 24.77 -1.46
C VAL B 20 18.30 25.32 -2.78
N ALA B 21 19.60 25.57 -2.84
CA ALA B 21 20.23 26.14 -4.03
C ALA B 21 21.23 25.25 -4.73
N PRO B 22 21.38 25.41 -6.06
CA PRO B 22 22.33 24.60 -6.83
C PRO B 22 23.70 24.64 -6.19
N SER B 23 24.34 23.47 -6.05
CA SER B 23 25.64 23.42 -5.42
C SER B 23 26.67 22.51 -6.08
N ASN B 24 26.26 21.71 -7.04
CA ASN B 24 27.20 20.83 -7.72
C ASN B 24 26.54 20.19 -8.94
N PHE B 25 27.34 19.89 -9.96
CA PHE B 25 26.82 19.27 -11.17
C PHE B 25 27.81 18.26 -11.74
N ALA B 26 28.66 17.71 -10.87
CA ALA B 26 29.67 16.74 -11.26
C ALA B 26 29.06 15.41 -11.69
N ASN B 27 29.37 14.99 -12.91
CA ASN B 27 28.87 13.73 -13.48
C ASN B 27 27.40 13.74 -13.86
N GLY B 28 26.88 14.91 -14.21
CA GLY B 28 25.50 15.01 -14.60
C GLY B 28 24.52 14.89 -13.44
N VAL B 29 25.05 14.67 -12.24
CA VAL B 29 24.21 14.56 -11.04
C VAL B 29 24.03 15.95 -10.45
N ALA B 30 22.87 16.55 -10.66
CA ALA B 30 22.58 17.88 -10.13
C ALA B 30 22.43 17.80 -8.62
N GLU B 31 22.95 18.80 -7.91
CA GLU B 31 22.86 18.84 -6.46
C GLU B 31 22.41 20.20 -5.97
N TRP B 32 21.61 20.19 -4.91
CA TRP B 32 21.10 21.41 -4.30
C TRP B 32 21.30 21.24 -2.79
N ILE B 33 21.71 22.29 -2.09
CA ILE B 33 21.85 22.22 -0.64
C ILE B 33 21.38 23.52 -0.01
N SER B 34 21.00 23.43 1.27
CA SER B 34 20.58 24.62 1.99
C SER B 34 21.83 25.35 2.47
N SER B 35 21.65 26.47 3.13
CA SER B 35 22.78 27.26 3.61
C SER B 35 23.19 26.86 5.02
N ASN B 36 23.74 25.66 5.14
CA ASN B 36 24.19 25.12 6.42
C ASN B 36 25.50 24.41 6.19
N SER B 37 26.02 23.80 7.25
CA SER B 37 27.24 23.01 7.13
C SER B 37 26.70 21.76 6.46
N ARG B 38 27.54 21.00 5.77
CA ARG B 38 27.02 19.84 5.10
C ARG B 38 26.53 18.75 6.03
N SER B 39 26.87 18.85 7.31
CA SER B 39 26.41 17.85 8.26
C SER B 39 24.99 18.18 8.73
N GLN B 40 24.57 19.42 8.56
CA GLN B 40 23.24 19.82 8.99
C GLN B 40 22.36 20.36 7.87
N ALA B 41 22.81 20.21 6.62
CA ALA B 41 22.07 20.72 5.49
C ALA B 41 21.00 19.82 4.90
N TYR B 42 20.09 20.42 4.14
CA TYR B 42 19.05 19.69 3.44
C TYR B 42 19.74 19.49 2.10
N LYS B 43 19.79 18.26 1.61
CA LYS B 43 20.47 18.02 0.35
C LYS B 43 19.52 17.33 -0.61
N VAL B 44 19.61 17.70 -1.88
CA VAL B 44 18.77 17.09 -2.91
C VAL B 44 19.62 16.83 -4.14
N THR B 45 19.62 15.60 -4.65
CA THR B 45 20.38 15.26 -5.86
C THR B 45 19.45 14.52 -6.82
N CYS B 46 19.69 14.64 -8.12
CA CYS B 46 18.86 14.00 -9.11
C CYS B 46 19.59 13.69 -10.40
N SER B 47 19.40 12.49 -10.92
CA SER B 47 20.03 12.10 -12.18
C SER B 47 19.10 11.21 -12.98
N VAL B 48 19.30 11.17 -14.31
CA VAL B 48 18.47 10.35 -15.18
C VAL B 48 19.40 9.53 -16.05
N ARG B 49 18.96 8.36 -16.47
CA ARG B 49 19.78 7.54 -17.33
C ARG B 49 18.91 6.50 -17.98
N GLN B 50 19.45 5.86 -19.02
CA GLN B 50 18.76 4.82 -19.74
C GLN B 50 19.11 3.55 -18.96
N SER B 51 18.23 3.12 -18.06
CA SER B 51 18.53 1.93 -17.27
C SER B 51 18.63 0.68 -18.14
N SER B 52 17.92 0.68 -19.26
CA SER B 52 17.93 -0.46 -20.17
C SER B 52 17.36 -0.07 -21.52
N ALA B 53 17.23 -1.06 -22.40
CA ALA B 53 16.70 -0.82 -23.73
C ALA B 53 15.28 -0.29 -23.66
N GLN B 54 14.51 -0.80 -22.71
CA GLN B 54 13.12 -0.43 -22.56
C GLN B 54 12.78 0.73 -21.60
N ASN B 55 13.65 1.04 -20.65
CA ASN B 55 13.36 2.08 -19.67
C ASN B 55 14.40 3.16 -19.42
N ARG B 56 13.94 4.24 -18.79
CA ARG B 56 14.80 5.35 -18.39
C ARG B 56 14.58 5.40 -16.89
N LYS B 57 15.55 5.88 -16.13
CA LYS B 57 15.35 5.90 -14.70
C LYS B 57 15.88 7.14 -14.00
N TYR B 58 14.98 7.81 -13.28
CA TYR B 58 15.34 8.99 -12.51
C TYR B 58 15.69 8.48 -11.12
N THR B 59 16.79 8.96 -10.56
CA THR B 59 17.18 8.56 -9.22
C THR B 59 17.25 9.86 -8.43
N ILE B 60 16.32 10.02 -7.50
CA ILE B 60 16.25 11.22 -6.68
C ILE B 60 16.56 10.89 -5.23
N LYS B 61 17.45 11.67 -4.62
CA LYS B 61 17.80 11.45 -3.22
C LYS B 61 17.67 12.71 -2.39
N VAL B 62 17.10 12.59 -1.20
CA VAL B 62 16.94 13.73 -0.33
C VAL B 62 17.50 13.40 1.05
N GLU B 63 18.10 14.38 1.70
CA GLU B 63 18.62 14.20 3.05
C GLU B 63 18.00 15.30 3.87
N VAL B 64 17.35 14.93 4.97
CA VAL B 64 16.69 15.88 5.84
C VAL B 64 17.28 15.78 7.23
N PRO B 65 17.71 16.91 7.82
CA PRO B 65 18.31 16.88 9.16
C PRO B 65 17.32 16.81 10.32
N LYS B 66 17.76 16.21 11.42
CA LYS B 66 16.94 16.15 12.62
C LYS B 66 17.15 17.51 13.24
N VAL B 67 16.07 18.25 13.43
CA VAL B 67 16.13 19.59 13.98
C VAL B 67 15.95 19.74 15.49
N ALA B 68 15.07 18.93 16.08
CA ALA B 68 14.83 19.02 17.52
C ALA B 68 16.12 18.82 18.32
N THR B 69 16.40 19.77 19.21
CA THR B 69 17.59 19.76 20.08
C THR B 69 18.91 19.93 19.34
N GLN B 70 18.82 20.41 18.12
CA GLN B 70 19.97 20.63 17.26
C GLN B 70 20.78 21.83 17.74
N THR B 71 22.09 21.79 17.55
CA THR B 71 22.97 22.90 17.92
C THR B 71 23.53 23.43 16.60
N VAL B 72 22.97 24.53 16.12
CA VAL B 72 23.40 25.09 14.85
C VAL B 72 24.89 25.28 14.71
N GLY B 73 25.46 24.58 13.73
CA GLY B 73 26.87 24.67 13.44
C GLY B 73 27.77 23.81 14.31
N GLY B 74 27.19 22.99 15.19
CA GLY B 74 28.00 22.17 16.07
C GLY B 74 28.38 20.83 15.49
N VAL B 75 29.19 20.08 16.23
CA VAL B 75 29.61 18.76 15.81
C VAL B 75 28.65 17.80 16.49
N GLU B 76 27.83 17.11 15.71
CA GLU B 76 26.86 16.18 16.27
C GLU B 76 27.05 14.77 15.75
N LEU B 77 27.47 13.87 16.64
CA LEU B 77 27.70 12.46 16.32
C LEU B 77 26.81 11.59 17.19
N PRO B 78 26.46 10.39 16.72
CA PRO B 78 26.81 9.81 15.43
C PRO B 78 25.95 10.42 14.33
N VAL B 79 26.54 10.60 13.14
CA VAL B 79 25.82 11.20 12.03
C VAL B 79 24.49 10.54 11.69
N ALA B 80 24.42 9.22 11.81
CA ALA B 80 23.20 8.49 11.49
C ALA B 80 22.04 8.79 12.43
N ALA B 81 22.32 9.45 13.56
CA ALA B 81 21.27 9.77 14.52
C ALA B 81 20.62 11.09 14.18
N TRP B 82 21.31 11.92 13.42
CA TRP B 82 20.81 13.23 13.09
C TRP B 82 20.40 13.46 11.64
N ARG B 83 20.10 12.39 10.90
CA ARG B 83 19.72 12.57 9.50
C ARG B 83 18.78 11.49 8.98
N SER B 84 17.85 11.90 8.13
CA SER B 84 16.92 10.97 7.53
C SER B 84 17.28 10.95 6.05
N TYR B 85 17.12 9.80 5.41
CA TYR B 85 17.46 9.69 4.01
C TYR B 85 16.31 9.20 3.15
N LEU B 86 15.98 9.96 2.11
CA LEU B 86 14.93 9.58 1.19
C LEU B 86 15.63 9.09 -0.06
N ASN B 87 15.10 8.03 -0.65
CA ASN B 87 15.70 7.45 -1.83
C ASN B 87 14.63 7.04 -2.82
N MET B 88 14.47 7.82 -3.89
CA MET B 88 13.45 7.54 -4.89
C MET B 88 14.01 7.06 -6.21
N GLU B 89 13.36 6.07 -6.80
CA GLU B 89 13.77 5.59 -8.10
C GLU B 89 12.53 5.54 -8.98
N LEU B 90 12.53 6.34 -10.03
CA LEU B 90 11.40 6.37 -10.93
C LEU B 90 11.78 5.75 -12.26
N THR B 91 11.14 4.62 -12.57
CA THR B 91 11.38 3.91 -13.81
C THR B 91 10.23 4.24 -14.76
N ILE B 92 10.57 4.76 -15.94
CA ILE B 92 9.56 5.13 -16.92
C ILE B 92 9.83 4.50 -18.28
N PRO B 93 8.94 3.62 -18.77
CA PRO B 93 9.12 2.98 -20.08
C PRO B 93 9.37 4.02 -21.16
N ILE B 94 10.25 3.73 -22.12
CA ILE B 94 10.55 4.70 -23.16
C ILE B 94 9.36 5.11 -24.03
N PHE B 95 8.21 4.49 -23.83
CA PHE B 95 7.03 4.81 -24.63
C PHE B 95 6.19 5.93 -24.04
N ALA B 96 6.50 6.34 -22.83
CA ALA B 96 5.74 7.39 -22.16
C ALA B 96 5.91 8.74 -22.83
N THR B 97 4.79 9.41 -23.06
CA THR B 97 4.82 10.73 -23.70
C THR B 97 4.84 11.78 -22.60
N ASN B 98 5.00 13.04 -22.98
CA ASN B 98 5.03 14.11 -21.99
C ASN B 98 3.76 14.04 -21.16
N SER B 99 2.66 13.63 -21.79
CA SER B 99 1.38 13.48 -21.10
C SER B 99 1.45 12.37 -20.09
N ASP B 100 1.82 11.17 -20.54
CA ASP B 100 1.94 10.04 -19.63
C ASP B 100 2.80 10.45 -18.44
N CYS B 101 3.84 11.24 -18.69
CA CYS B 101 4.73 11.67 -17.63
C CYS B 101 4.12 12.68 -16.68
N GLU B 102 3.21 13.50 -17.17
CA GLU B 102 2.57 14.47 -16.29
C GLU B 102 1.66 13.71 -15.33
N LEU B 103 1.10 12.60 -15.82
CA LEU B 103 0.20 11.81 -14.99
C LEU B 103 0.98 11.14 -13.88
N ILE B 104 2.19 10.69 -14.19
CA ILE B 104 3.05 10.03 -13.21
C ILE B 104 3.42 11.01 -12.11
N VAL B 105 3.71 12.25 -12.49
CA VAL B 105 4.06 13.26 -11.52
C VAL B 105 2.86 13.53 -10.62
N LYS B 106 1.67 13.57 -11.22
CA LYS B 106 0.47 13.80 -10.45
C LYS B 106 0.26 12.68 -9.44
N ALA B 107 0.61 11.46 -9.84
CA ALA B 107 0.46 10.32 -8.96
C ALA B 107 1.37 10.49 -7.75
N MET B 108 2.58 11.00 -7.97
CA MET B 108 3.51 11.20 -6.88
C MET B 108 3.06 12.32 -5.95
N GLN B 109 2.45 13.36 -6.51
CA GLN B 109 1.99 14.47 -5.69
C GLN B 109 0.82 14.02 -4.83
N GLY B 110 -0.06 13.21 -5.42
CA GLY B 110 -1.22 12.71 -4.70
C GLY B 110 -0.85 11.81 -3.54
N LEU B 111 0.14 10.96 -3.77
CA LEU B 111 0.63 10.04 -2.75
C LEU B 111 1.02 10.80 -1.48
N LEU B 112 1.62 11.98 -1.64
CA LEU B 112 2.10 12.76 -0.51
C LEU B 112 1.30 13.98 -0.09
N LYS B 113 0.11 14.16 -0.64
CA LYS B 113 -0.70 15.32 -0.27
C LYS B 113 -1.10 15.24 1.21
N ASP B 114 -1.25 16.39 1.86
CA ASP B 114 -1.64 16.39 3.28
C ASP B 114 -2.92 15.66 3.57
N GLY B 115 -2.93 14.97 4.71
CA GLY B 115 -4.12 14.24 5.09
C GLY B 115 -4.23 12.85 4.50
N ASN B 116 -3.38 12.51 3.52
CA ASN B 116 -3.44 11.19 2.93
C ASN B 116 -2.68 10.18 3.80
N PRO B 117 -3.07 8.90 3.73
CA PRO B 117 -2.48 7.81 4.50
C PRO B 117 -0.95 7.80 4.70
N ILE B 118 -0.19 7.69 3.61
CA ILE B 118 1.28 7.65 3.70
C ILE B 118 1.91 8.82 4.45
N PRO B 119 1.66 10.08 4.02
CA PRO B 119 2.27 11.19 4.74
C PRO B 119 1.79 11.31 6.18
N SER B 120 0.55 10.92 6.44
CA SER B 120 0.02 10.99 7.79
C SER B 120 0.72 9.98 8.68
N ALA B 121 1.03 8.83 8.13
CA ALA B 121 1.71 7.79 8.87
C ALA B 121 3.12 8.23 9.23
N ILE B 122 3.84 8.74 8.23
CA ILE B 122 5.20 9.21 8.43
C ILE B 122 5.27 10.33 9.49
N ALA B 123 4.41 11.34 9.34
CA ALA B 123 4.40 12.47 10.25
C ALA B 123 4.06 12.15 11.70
N ALA B 124 3.53 10.95 11.95
CA ALA B 124 3.14 10.59 13.31
C ALA B 124 3.94 9.40 13.84
N ASN B 125 5.08 9.11 13.21
CA ASN B 125 5.93 7.99 13.62
C ASN B 125 5.17 6.67 13.62
N SER B 126 4.26 6.50 12.68
CA SER B 126 3.45 5.28 12.63
C SER B 126 3.53 4.48 11.34
N GLY B 127 2.86 3.34 11.37
CA GLY B 127 2.79 2.48 10.22
C GLY B 127 1.34 2.58 9.80
N ILE B 128 0.82 1.59 9.09
CA ILE B 128 -0.57 1.62 8.68
C ILE B 128 -1.38 0.79 9.67
N TYR B 129 -2.64 1.17 9.90
CA TYR B 129 -3.48 0.43 10.85
C TYR B 129 -4.96 0.78 10.69
N ALA C 1 -10.32 2.39 7.34
CA ALA C 1 -11.04 1.21 6.75
C ALA C 1 -10.50 -0.14 7.25
N SER C 2 -11.38 -1.16 7.23
CA SER C 2 -11.00 -2.49 7.68
C SER C 2 -12.17 -3.44 7.42
N ASN C 3 -11.85 -4.62 6.90
CA ASN C 3 -12.86 -5.63 6.63
C ASN C 3 -12.49 -6.83 7.48
N PHE C 4 -11.46 -6.66 8.32
CA PHE C 4 -11.03 -7.70 9.24
C PHE C 4 -11.75 -7.37 10.53
N THR C 5 -13.07 -7.52 10.48
CA THR C 5 -13.92 -7.23 11.62
C THR C 5 -14.79 -8.43 12.00
N GLN C 6 -15.51 -8.24 13.10
CA GLN C 6 -16.40 -9.23 13.66
C GLN C 6 -17.68 -9.33 12.81
N PHE C 7 -18.27 -10.51 12.70
CA PHE C 7 -19.49 -10.64 11.91
C PHE C 7 -20.32 -11.84 12.32
N VAL C 8 -21.61 -11.83 11.95
CA VAL C 8 -22.50 -12.93 12.29
C VAL C 8 -22.33 -14.08 11.31
N LEU C 9 -21.86 -15.22 11.80
CA LEU C 9 -21.67 -16.39 10.96
C LEU C 9 -22.96 -17.18 10.83
N VAL C 10 -23.62 -17.41 11.96
CA VAL C 10 -24.90 -18.14 11.97
C VAL C 10 -25.97 -17.20 12.52
N ASP C 11 -26.97 -16.94 11.69
CA ASP C 11 -28.05 -16.05 12.08
C ASP C 11 -29.28 -16.80 12.56
N ASN C 12 -29.59 -16.65 13.85
CA ASN C 12 -30.77 -17.29 14.45
C ASN C 12 -31.65 -16.17 15.03
N GLY C 13 -32.34 -15.48 14.14
CA GLY C 13 -33.17 -14.36 14.58
C GLY C 13 -32.21 -13.30 15.13
N GLY C 14 -32.38 -12.93 16.40
CA GLY C 14 -31.49 -11.95 17.00
C GLY C 14 -30.73 -12.66 18.11
N THR C 15 -31.38 -13.68 18.67
CA THR C 15 -30.83 -14.47 19.75
C THR C 15 -30.56 -15.93 19.31
N GLY C 16 -29.34 -16.40 19.63
CA GLY C 16 -28.92 -17.74 19.24
C GLY C 16 -27.90 -17.53 18.12
N ASP C 17 -27.72 -16.27 17.74
CA ASP C 17 -26.78 -15.87 16.70
C ASP C 17 -25.36 -16.25 17.10
N VAL C 18 -24.60 -16.78 16.14
CA VAL C 18 -23.22 -17.16 16.38
C VAL C 18 -22.34 -16.10 15.73
N THR C 19 -21.62 -15.34 16.55
CA THR C 19 -20.76 -14.30 16.05
C THR C 19 -19.32 -14.74 16.10
N VAL C 20 -18.57 -14.37 15.08
CA VAL C 20 -17.19 -14.73 15.01
C VAL C 20 -16.41 -13.41 15.03
N ALA C 21 -15.31 -13.34 15.77
CA ALA C 21 -14.53 -12.12 15.87
C ALA C 21 -13.06 -12.35 15.53
N PRO C 22 -12.38 -11.33 14.98
CA PRO C 22 -10.96 -11.43 14.61
C PRO C 22 -10.10 -11.99 15.73
N SER C 23 -9.10 -12.78 15.38
CA SER C 23 -8.23 -13.33 16.41
C SER C 23 -6.76 -13.34 15.98
N ASN C 24 -6.53 -13.48 14.68
CA ASN C 24 -5.16 -13.55 14.26
C ASN C 24 -5.02 -13.37 12.75
N PHE C 25 -3.95 -12.69 12.34
CA PHE C 25 -3.70 -12.44 10.93
C PHE C 25 -2.21 -12.66 10.67
N ALA C 26 -1.73 -13.88 10.91
CA ALA C 26 -0.32 -14.20 10.72
C ALA C 26 0.01 -14.91 9.41
N ASN C 27 1.04 -14.43 8.74
CA ASN C 27 1.49 -15.00 7.46
C ASN C 27 0.39 -15.00 6.40
N GLY C 28 -0.28 -13.87 6.23
CA GLY C 28 -1.32 -13.80 5.23
C GLY C 28 -2.57 -14.64 5.43
N VAL C 29 -2.80 -15.15 6.64
CA VAL C 29 -3.99 -15.93 6.90
C VAL C 29 -4.82 -15.27 7.98
N ALA C 30 -5.98 -14.73 7.60
CA ALA C 30 -6.88 -14.07 8.54
C ALA C 30 -7.65 -15.15 9.26
N GLU C 31 -7.91 -14.96 10.55
CA GLU C 31 -8.64 -15.94 11.32
C GLU C 31 -9.64 -15.33 12.29
N TRP C 32 -10.86 -15.85 12.25
CA TRP C 32 -11.95 -15.40 13.12
C TRP C 32 -12.31 -16.55 14.05
N ILE C 33 -12.72 -16.24 15.28
CA ILE C 33 -13.08 -17.27 16.26
C ILE C 33 -14.31 -16.80 17.03
N SER C 34 -15.18 -17.72 17.45
CA SER C 34 -16.35 -17.31 18.23
C SER C 34 -15.88 -17.25 19.69
N SER C 35 -16.60 -16.51 20.53
CA SER C 35 -16.21 -16.37 21.94
C SER C 35 -16.31 -17.67 22.74
N ASN C 36 -15.80 -17.62 23.96
CA ASN C 36 -15.77 -18.76 24.88
C ASN C 36 -14.76 -19.82 24.47
N SER C 37 -14.68 -20.89 25.26
CA SER C 37 -13.74 -22.00 25.03
C SER C 37 -13.30 -22.13 23.59
N ARG C 38 -11.99 -22.07 23.36
CA ARG C 38 -11.44 -22.22 22.03
C ARG C 38 -11.82 -23.61 21.51
N SER C 39 -11.89 -24.57 22.44
CA SER C 39 -12.21 -25.95 22.14
C SER C 39 -13.59 -26.19 21.53
N GLN C 40 -14.55 -25.33 21.85
CA GLN C 40 -15.91 -25.46 21.30
C GLN C 40 -16.22 -24.29 20.39
N ALA C 41 -15.18 -23.63 19.89
CA ALA C 41 -15.36 -22.45 19.06
C ALA C 41 -15.48 -22.70 17.57
N TYR C 42 -16.22 -21.82 16.89
CA TYR C 42 -16.39 -21.86 15.44
C TYR C 42 -15.15 -21.16 14.90
N LYS C 43 -14.63 -21.63 13.77
CA LYS C 43 -13.44 -21.03 13.21
C LYS C 43 -13.59 -20.76 11.72
N VAL C 44 -13.05 -19.63 11.29
CA VAL C 44 -13.11 -19.24 9.89
C VAL C 44 -11.76 -18.64 9.55
N THR C 45 -11.16 -19.06 8.44
CA THR C 45 -9.89 -18.50 8.02
C THR C 45 -9.97 -18.15 6.55
N CYS C 46 -9.19 -17.16 6.14
CA CYS C 46 -9.21 -16.74 4.76
C CYS C 46 -7.84 -16.22 4.32
N SER C 47 -7.53 -16.39 3.05
CA SER C 47 -6.25 -15.93 2.52
C SER C 47 -6.28 -15.86 0.99
N VAL C 48 -5.52 -14.93 0.42
CA VAL C 48 -5.46 -14.79 -1.03
C VAL C 48 -4.01 -14.84 -1.45
N ARG C 49 -3.75 -15.33 -2.66
CA ARG C 49 -2.38 -15.40 -3.14
C ARG C 49 -2.37 -15.46 -4.66
N GLN C 50 -1.25 -15.04 -5.24
CA GLN C 50 -1.09 -15.08 -6.68
C GLN C 50 -0.69 -16.52 -6.99
N SER C 51 -1.67 -17.37 -7.27
CA SER C 51 -1.40 -18.79 -7.54
C SER C 51 -0.60 -19.00 -8.84
N SER C 52 -0.64 -18.02 -9.73
CA SER C 52 0.11 -18.12 -10.99
C SER C 52 0.15 -16.75 -11.65
N ALA C 53 0.71 -16.72 -12.84
CA ALA C 53 0.83 -15.47 -13.59
C ALA C 53 -0.53 -14.82 -13.79
N GLN C 54 -1.55 -15.62 -14.13
CA GLN C 54 -2.86 -15.07 -14.38
C GLN C 54 -3.92 -15.28 -13.32
N ASN C 55 -3.61 -16.05 -12.28
CA ASN C 55 -4.62 -16.29 -11.28
C ASN C 55 -4.32 -15.93 -9.85
N ARG C 56 -5.37 -15.47 -9.19
CA ARG C 56 -5.31 -15.16 -7.78
C ARG C 56 -6.22 -16.23 -7.21
N LYS C 57 -5.93 -16.66 -5.99
CA LYS C 57 -6.72 -17.72 -5.43
C LYS C 57 -7.02 -17.55 -3.96
N TYR C 58 -8.31 -17.61 -3.63
CA TYR C 58 -8.77 -17.48 -2.25
C TYR C 58 -8.91 -18.85 -1.66
N THR C 59 -8.58 -18.99 -0.38
CA THR C 59 -8.73 -20.26 0.30
C THR C 59 -9.46 -19.93 1.58
N ILE C 60 -10.72 -20.33 1.66
CA ILE C 60 -11.56 -20.07 2.82
C ILE C 60 -11.88 -21.38 3.54
N LYS C 61 -11.96 -21.34 4.87
CA LYS C 61 -12.28 -22.55 5.63
C LYS C 61 -13.18 -22.25 6.79
N VAL C 62 -14.12 -23.14 7.06
CA VAL C 62 -15.02 -22.96 8.17
C VAL C 62 -15.09 -24.25 8.97
N GLU C 63 -15.26 -24.12 10.29
CA GLU C 63 -15.36 -25.27 11.16
C GLU C 63 -16.57 -25.12 12.04
N VAL C 64 -17.51 -26.06 11.93
CA VAL C 64 -18.70 -26.02 12.77
C VAL C 64 -18.52 -27.15 13.79
N PRO C 65 -18.46 -26.79 15.08
CA PRO C 65 -18.30 -27.76 16.16
C PRO C 65 -19.62 -28.23 16.74
N LYS C 66 -19.59 -29.45 17.27
CA LYS C 66 -20.74 -30.05 17.90
C LYS C 66 -20.42 -29.95 19.38
N VAL C 67 -20.91 -28.88 20.00
CA VAL C 67 -20.66 -28.62 21.41
C VAL C 67 -21.09 -29.78 22.30
N ALA C 68 -20.22 -30.16 23.25
CA ALA C 68 -20.51 -31.26 24.16
C ALA C 68 -19.53 -31.25 25.33
N THR C 69 -19.86 -31.98 26.40
CA THR C 69 -19.00 -32.06 27.59
C THR C 69 -18.33 -33.42 27.76
N GLN C 70 -17.01 -33.43 27.82
CA GLN C 70 -16.28 -34.69 28.00
C GLN C 70 -16.00 -34.92 29.48
N THR C 71 -16.29 -36.12 29.95
CA THR C 71 -16.03 -36.44 31.35
C THR C 71 -15.10 -37.64 31.43
N VAL C 72 -14.00 -37.47 32.14
CA VAL C 72 -13.00 -38.53 32.31
C VAL C 72 -12.43 -38.43 33.73
N GLY C 73 -12.45 -39.56 34.43
CA GLY C 73 -11.94 -39.58 35.80
C GLY C 73 -12.79 -38.67 36.66
N GLY C 74 -13.97 -38.30 36.15
CA GLY C 74 -14.84 -37.42 36.91
C GLY C 74 -14.50 -35.96 36.66
N VAL C 75 -13.50 -35.73 35.82
CA VAL C 75 -13.07 -34.38 35.46
C VAL C 75 -13.75 -34.06 34.14
N GLU C 76 -14.45 -32.93 34.06
CA GLU C 76 -15.11 -32.58 32.81
C GLU C 76 -14.60 -31.32 32.14
N LEU C 77 -14.38 -31.43 30.84
CA LEU C 77 -13.88 -30.34 30.02
C LEU C 77 -14.85 -30.00 28.89
N PRO C 78 -14.91 -28.72 28.49
CA PRO C 78 -15.80 -28.28 27.42
C PRO C 78 -15.08 -28.66 26.14
N VAL C 79 -15.67 -29.57 25.35
CA VAL C 79 -15.04 -29.99 24.12
C VAL C 79 -16.04 -30.00 22.96
N ALA C 80 -15.57 -30.50 21.82
CA ALA C 80 -16.37 -30.63 20.62
C ALA C 80 -16.41 -32.12 20.29
N ALA C 81 -17.60 -32.71 20.34
CA ALA C 81 -17.79 -34.13 20.05
C ALA C 81 -17.17 -34.44 18.67
N TRP C 82 -17.36 -33.53 17.74
CA TRP C 82 -16.81 -33.64 16.38
C TRP C 82 -16.94 -32.28 15.71
N ARG C 83 -16.33 -32.15 14.55
CA ARG C 83 -16.41 -30.91 13.81
C ARG C 83 -16.74 -31.19 12.37
N SER C 84 -17.43 -30.24 11.75
CA SER C 84 -17.79 -30.34 10.36
C SER C 84 -16.83 -29.38 9.68
N TYR C 85 -16.25 -29.75 8.54
CA TYR C 85 -15.28 -28.88 7.88
C TYR C 85 -15.62 -28.41 6.48
N LEU C 86 -15.78 -27.10 6.31
CA LEU C 86 -16.05 -26.53 5.00
C LEU C 86 -14.70 -26.15 4.47
N ASN C 87 -14.50 -26.27 3.16
CA ASN C 87 -13.21 -25.97 2.62
C ASN C 87 -13.29 -25.51 1.18
N MET C 88 -13.24 -24.21 0.93
CA MET C 88 -13.34 -23.75 -0.45
C MET C 88 -12.15 -23.00 -1.03
N GLU C 89 -11.99 -23.10 -2.35
CA GLU C 89 -10.93 -22.44 -3.09
C GLU C 89 -11.54 -21.79 -4.30
N LEU C 90 -11.33 -20.48 -4.43
CA LEU C 90 -11.88 -19.73 -5.52
C LEU C 90 -10.76 -19.16 -6.37
N THR C 91 -10.73 -19.52 -7.65
CA THR C 91 -9.70 -19.01 -8.55
C THR C 91 -10.30 -17.95 -9.45
N ILE C 92 -9.64 -16.80 -9.52
CA ILE C 92 -10.12 -15.70 -10.36
C ILE C 92 -9.01 -15.08 -11.19
N PRO C 93 -9.13 -15.15 -12.53
CA PRO C 93 -8.14 -14.59 -13.46
C PRO C 93 -7.95 -13.11 -13.13
N ILE C 94 -6.75 -12.59 -13.34
CA ILE C 94 -6.48 -11.18 -13.03
C ILE C 94 -7.26 -10.22 -13.94
N PHE C 95 -7.82 -10.75 -15.02
CA PHE C 95 -8.57 -9.93 -15.97
C PHE C 95 -9.97 -9.60 -15.48
N ALA C 96 -10.37 -10.17 -14.35
CA ALA C 96 -11.69 -9.94 -13.82
C ALA C 96 -11.79 -8.55 -13.22
N THR C 97 -12.81 -7.82 -13.60
CA THR C 97 -13.04 -6.47 -13.09
C THR C 97 -13.88 -6.61 -11.84
N ASN C 98 -14.14 -5.50 -11.15
CA ASN C 98 -14.93 -5.57 -9.94
C ASN C 98 -16.34 -6.08 -10.28
N SER C 99 -16.82 -5.75 -11.47
CA SER C 99 -18.15 -6.21 -11.88
C SER C 99 -18.22 -7.71 -12.00
N ASP C 100 -17.14 -8.31 -12.50
CA ASP C 100 -17.09 -9.76 -12.67
C ASP C 100 -17.04 -10.44 -11.34
N CYS C 101 -16.35 -9.82 -10.39
CA CYS C 101 -16.23 -10.39 -9.07
C CYS C 101 -17.57 -10.35 -8.37
N GLU C 102 -18.35 -9.31 -8.63
CA GLU C 102 -19.67 -9.21 -8.03
C GLU C 102 -20.58 -10.31 -8.55
N LEU C 103 -20.32 -10.73 -9.78
CA LEU C 103 -21.12 -11.78 -10.38
C LEU C 103 -20.71 -13.10 -9.72
N ILE C 104 -19.41 -13.31 -9.57
CA ILE C 104 -18.88 -14.51 -8.94
C ILE C 104 -19.45 -14.69 -7.55
N VAL C 105 -19.59 -13.57 -6.82
CA VAL C 105 -20.14 -13.64 -5.47
C VAL C 105 -21.62 -13.97 -5.51
N LYS C 106 -22.35 -13.38 -6.45
CA LYS C 106 -23.78 -13.68 -6.55
C LYS C 106 -23.95 -15.16 -6.90
N ALA C 107 -23.04 -15.68 -7.72
CA ALA C 107 -23.11 -17.07 -8.12
C ALA C 107 -22.98 -17.95 -6.89
N MET C 108 -22.10 -17.58 -5.97
CA MET C 108 -21.93 -18.37 -4.76
C MET C 108 -23.12 -18.29 -3.84
N GLN C 109 -23.70 -17.09 -3.70
CA GLN C 109 -24.84 -16.91 -2.83
C GLN C 109 -26.07 -17.60 -3.39
N GLY C 110 -26.16 -17.68 -4.72
CA GLY C 110 -27.28 -18.36 -5.35
C GLY C 110 -27.17 -19.86 -5.11
N LEU C 111 -25.97 -20.39 -5.31
CA LEU C 111 -25.70 -21.79 -5.09
C LEU C 111 -26.22 -22.25 -3.72
N LEU C 112 -26.04 -21.43 -2.69
CA LEU C 112 -26.44 -21.78 -1.34
C LEU C 112 -27.77 -21.22 -0.81
N LYS C 113 -28.49 -20.47 -1.63
CA LYS C 113 -29.77 -19.90 -1.19
C LYS C 113 -30.80 -20.97 -0.77
N ASP C 114 -31.62 -20.66 0.21
CA ASP C 114 -32.62 -21.60 0.68
C ASP C 114 -33.50 -22.18 -0.40
N GLY C 115 -33.81 -23.46 -0.28
CA GLY C 115 -34.68 -24.10 -1.24
C GLY C 115 -34.04 -24.64 -2.51
N ASN C 116 -32.82 -24.20 -2.80
CA ASN C 116 -32.15 -24.68 -3.99
C ASN C 116 -31.61 -26.09 -3.75
N PRO C 117 -31.39 -26.86 -4.83
CA PRO C 117 -30.89 -28.24 -4.74
C PRO C 117 -29.82 -28.54 -3.70
N ILE C 118 -28.66 -27.92 -3.85
CA ILE C 118 -27.56 -28.19 -2.93
C ILE C 118 -27.74 -27.88 -1.45
N PRO C 119 -28.17 -26.66 -1.09
CA PRO C 119 -28.34 -26.42 0.35
C PRO C 119 -29.41 -27.33 0.97
N SER C 120 -30.35 -27.78 0.16
CA SER C 120 -31.41 -28.65 0.64
C SER C 120 -30.90 -30.07 0.82
N ALA C 121 -30.06 -30.54 -0.10
CA ALA C 121 -29.50 -31.87 -0.01
C ALA C 121 -28.69 -31.98 1.27
N ILE C 122 -27.83 -31.00 1.49
CA ILE C 122 -26.99 -31.00 2.67
C ILE C 122 -27.81 -30.97 3.96
N ALA C 123 -28.78 -30.06 4.02
CA ALA C 123 -29.62 -29.92 5.21
C ALA C 123 -30.46 -31.14 5.53
N ALA C 124 -30.61 -32.05 4.57
CA ALA C 124 -31.42 -33.23 4.81
C ALA C 124 -30.59 -34.50 4.87
N ASN C 125 -29.26 -34.35 5.03
CA ASN C 125 -28.38 -35.50 5.09
C ASN C 125 -28.51 -36.29 3.80
N SER C 126 -28.83 -35.62 2.70
CA SER C 126 -29.02 -36.30 1.43
C SER C 126 -28.09 -35.85 0.32
N GLY C 127 -28.19 -36.57 -0.80
CA GLY C 127 -27.41 -36.27 -1.98
C GLY C 127 -28.40 -35.84 -3.04
N ILE C 128 -28.02 -35.92 -4.30
CA ILE C 128 -28.91 -35.52 -5.38
C ILE C 128 -29.77 -36.73 -5.78
N TYR C 129 -30.97 -36.47 -6.28
CA TYR C 129 -31.86 -37.55 -6.70
C TYR C 129 -33.01 -37.04 -7.57
#